data_4PAI
#
_entry.id   4PAI
#
_cell.length_a   62.780
_cell.length_b   63.020
_cell.length_c   75.740
_cell.angle_alpha   90.000
_cell.angle_beta   90.000
_cell.angle_gamma   90.000
#
_symmetry.space_group_name_H-M   'P 21 21 21'
#
loop_
_entity.id
_entity.type
_entity.pdbx_description
1 polymer 'TRAP dicarboxylate transporter, DctP subunit, putative'
2 non-polymer '3-HYDROXYBENZOIC ACID'
3 water water
#
_entity_poly.entity_id   1
_entity_poly.type   'polypeptide(L)'
_entity_poly.pdbx_seq_one_letter_code
;(MSE)TISFKGLARGVACAALVLAALPAAAKEFRLGLITPSPHTWTKAAEAFGAELSEKSGGAHSVSVFPARQLGNEAQ
(MSE)LQQLQTGALD(MSE)AF(MSE)TVAEVSNRVPN(MSE)GAFYAPYLAGDINHAAAILRSDTARG(MSE)LAVLPQ
EAGVVGVGFGSAG(MSE)RQILSRGAVNSAADLSGLKLRITPFDPILDFYNALGAAPTP(MSE)PLPAVYDALANGQVDA
ID(MSE)DVELINVLKCHEHADTILISNH(MSE)(MSE)FP(MSE)VGLISARVYAG(MSE)SDADKA(MSE)ISEL
(MSE)AKHVDSTLDVY(MSE)VKEPEWTDALTKVGKTFKRVDQSFFGDAIAQWETIWADKAPSLPELRKTAADLQAENLY
FQ
;
_entity_poly.pdbx_strand_id   A
#
# COMPACT_ATOMS: atom_id res chain seq x y z
N LYS A 27 -21.78 5.33 -19.71
CA LYS A 27 -21.84 5.80 -18.33
C LYS A 27 -20.58 6.57 -17.97
N GLU A 28 -20.73 7.65 -17.21
CA GLU A 28 -19.61 8.39 -16.66
C GLU A 28 -19.29 7.85 -15.26
N PHE A 29 -18.27 7.02 -15.16
CA PHE A 29 -17.87 6.46 -13.88
C PHE A 29 -16.97 7.43 -13.14
N ARG A 30 -17.02 7.42 -11.82
CA ARG A 30 -16.07 8.14 -10.99
C ARG A 30 -15.11 7.16 -10.31
N LEU A 31 -13.83 7.52 -10.25
CA LEU A 31 -12.79 6.68 -9.65
C LEU A 31 -12.01 7.51 -8.66
N GLY A 32 -12.01 7.10 -7.40
CA GLY A 32 -11.34 7.83 -6.32
C GLY A 32 -10.00 7.23 -5.91
N LEU A 33 -9.10 8.09 -5.46
CA LEU A 33 -7.84 7.67 -4.83
C LEU A 33 -7.47 8.68 -3.75
N ILE A 34 -6.59 8.27 -2.84
CA ILE A 34 -6.05 9.19 -1.85
C ILE A 34 -4.68 9.74 -2.23
N THR A 35 -4.10 9.22 -3.29
CA THR A 35 -2.75 9.59 -3.66
C THR A 35 -2.69 10.93 -4.40
N PRO A 36 -1.57 11.66 -4.23
CA PRO A 36 -1.41 12.92 -4.95
C PRO A 36 -1.22 12.70 -6.44
N SER A 37 -1.34 13.78 -7.20
CA SER A 37 -1.33 13.68 -8.64
C SER A 37 -0.05 13.09 -9.25
N PRO A 38 1.14 13.33 -8.66
CA PRO A 38 2.33 12.72 -9.27
C PRO A 38 2.53 11.23 -9.00
N HIS A 39 1.70 10.67 -8.13
CA HIS A 39 1.88 9.29 -7.69
C HIS A 39 1.58 8.33 -8.84
N THR A 40 2.32 7.23 -8.86
CA THR A 40 2.14 6.15 -9.81
C THR A 40 0.67 5.70 -9.95
N TRP A 41 0.00 5.52 -8.83
CA TRP A 41 -1.42 5.11 -8.87
C TRP A 41 -2.30 6.07 -9.61
N THR A 42 -2.10 7.35 -9.39
CA THR A 42 -2.93 8.36 -10.02
C THR A 42 -2.73 8.33 -11.54
N LYS A 43 -1.47 8.21 -11.95
CA LYS A 43 -1.14 8.11 -13.37
C LYS A 43 -1.77 6.87 -14.00
N ALA A 44 -1.74 5.76 -13.26
CA ALA A 44 -2.33 4.51 -13.75
C ALA A 44 -3.84 4.64 -13.89
N ALA A 45 -4.48 5.31 -12.92
CA ALA A 45 -5.92 5.54 -12.99
C ALA A 45 -6.27 6.41 -14.20
N GLU A 46 -5.48 7.44 -14.48
CA GLU A 46 -5.75 8.27 -15.64
C GLU A 46 -5.57 7.47 -16.93
N ALA A 47 -4.55 6.63 -16.97
CA ALA A 47 -4.30 5.81 -18.15
C ALA A 47 -5.45 4.82 -18.37
N PHE A 48 -5.94 4.23 -17.29
CA PHE A 48 -7.10 3.34 -17.34
C PHE A 48 -8.28 4.10 -17.94
N GLY A 49 -8.54 5.30 -17.41
CA GLY A 49 -9.68 6.09 -17.86
C GLY A 49 -9.61 6.39 -19.34
N ALA A 50 -8.43 6.76 -19.81
CA ALA A 50 -8.24 7.04 -21.23
C ALA A 50 -8.51 5.81 -22.08
N GLU A 51 -8.02 4.66 -21.65
CA GLU A 51 -8.19 3.45 -22.44
C GLU A 51 -9.63 2.98 -22.42
N LEU A 52 -10.35 3.16 -21.30
CA LEU A 52 -11.76 2.76 -21.26
C LEU A 52 -12.60 3.60 -22.22
N SER A 53 -12.32 4.90 -22.28
CA SER A 53 -12.98 5.76 -23.21
C SER A 53 -12.78 5.26 -24.65
N GLU A 54 -11.54 4.92 -24.98
CA GLU A 54 -11.20 4.46 -26.33
C GLU A 54 -11.79 3.10 -26.64
N LYS A 55 -11.63 2.15 -25.73
CA LYS A 55 -12.09 0.79 -25.98
C LYS A 55 -13.60 0.71 -26.02
N SER A 56 -14.29 1.58 -25.31
CA SER A 56 -15.76 1.61 -25.34
C SER A 56 -16.34 2.44 -26.49
N GLY A 57 -15.48 2.96 -27.36
CA GLY A 57 -15.95 3.82 -28.44
C GLY A 57 -16.67 5.05 -27.95
N GLY A 58 -16.27 5.54 -26.78
CA GLY A 58 -16.91 6.69 -26.17
C GLY A 58 -18.19 6.46 -25.39
N ALA A 59 -18.62 5.21 -25.26
CA ALA A 59 -19.84 4.89 -24.52
C ALA A 59 -19.67 5.11 -23.02
N HIS A 60 -18.44 4.93 -22.54
CA HIS A 60 -18.12 5.10 -21.13
C HIS A 60 -16.95 6.06 -20.96
N SER A 61 -16.87 6.68 -19.80
CA SER A 61 -15.73 7.50 -19.44
C SER A 61 -15.46 7.33 -17.95
N VAL A 62 -14.28 7.77 -17.52
CA VAL A 62 -13.89 7.75 -16.12
C VAL A 62 -13.41 9.12 -15.71
N SER A 63 -13.97 9.64 -14.63
N SER A 63 -13.99 9.66 -14.66
CA SER A 63 -13.53 10.88 -14.04
CA SER A 63 -13.49 10.88 -14.07
C SER A 63 -12.74 10.59 -12.76
C SER A 63 -12.71 10.48 -12.83
N VAL A 64 -11.44 10.83 -12.81
CA VAL A 64 -10.54 10.44 -11.73
C VAL A 64 -10.45 11.56 -10.70
N PHE A 65 -10.59 11.17 -9.44
CA PHE A 65 -10.57 12.10 -8.32
C PHE A 65 -9.47 11.66 -7.35
N PRO A 66 -8.26 12.17 -7.55
CA PRO A 66 -7.15 11.85 -6.67
C PRO A 66 -7.14 12.72 -5.42
N ALA A 67 -6.12 12.50 -4.61
CA ALA A 67 -5.79 13.39 -3.50
C ALA A 67 -6.92 13.55 -2.47
N ARG A 68 -7.69 12.48 -2.25
CA ARG A 68 -8.74 12.46 -1.23
C ARG A 68 -9.90 13.41 -1.53
N GLN A 69 -10.03 13.86 -2.78
CA GLN A 69 -11.09 14.78 -3.12
C GLN A 69 -12.48 14.28 -2.71
N LEU A 70 -12.72 12.98 -2.78
CA LEU A 70 -14.03 12.42 -2.50
C LEU A 70 -14.21 11.93 -1.05
N GLY A 71 -13.18 12.14 -0.23
CA GLY A 71 -13.22 11.73 1.17
C GLY A 71 -12.00 10.90 1.50
N ASN A 72 -11.93 10.44 2.75
CA ASN A 72 -10.86 9.53 3.10
C ASN A 72 -11.15 8.13 2.58
N GLU A 73 -10.19 7.21 2.72
CA GLU A 73 -10.37 5.91 2.10
C GLU A 73 -11.52 5.11 2.73
N ALA A 74 -11.70 5.25 4.03
CA ALA A 74 -12.82 4.59 4.67
C ALA A 74 -14.14 5.08 4.12
N GLN A 75 -14.26 6.39 3.90
CA GLN A 75 -15.46 6.94 3.31
C GLN A 75 -15.66 6.46 1.90
N LEU A 77 -14.63 3.65 0.68
CA LEU A 77 -15.06 2.26 0.68
C LEU A 77 -16.56 2.17 1.02
N GLN A 78 -17.04 2.98 1.96
CA GLN A 78 -18.46 3.03 2.29
C GLN A 78 -19.30 3.33 1.08
N GLN A 79 -18.83 4.25 0.26
CA GLN A 79 -19.60 4.65 -0.91
C GLN A 79 -19.40 3.72 -2.10
N LEU A 80 -18.29 2.99 -2.17
CA LEU A 80 -18.25 1.84 -3.09
C LEU A 80 -19.30 0.81 -2.68
N GLN A 81 -19.45 0.58 -1.38
CA GLN A 81 -20.37 -0.43 -0.93
C GLN A 81 -21.79 -0.04 -1.30
N THR A 82 -22.15 1.23 -1.19
CA THR A 82 -23.51 1.60 -1.56
C THR A 82 -23.69 1.75 -3.07
N GLY A 83 -22.60 2.06 -3.78
CA GLY A 83 -22.68 2.36 -5.20
C GLY A 83 -22.70 3.83 -5.54
N ALA A 84 -22.64 4.68 -4.51
CA ALA A 84 -22.50 6.11 -4.75
C ALA A 84 -21.16 6.45 -5.41
N LEU A 85 -20.14 5.64 -5.16
CA LEU A 85 -18.86 5.75 -5.85
C LEU A 85 -18.67 4.48 -6.71
N ASP A 86 -18.27 4.63 -7.97
CA ASP A 86 -18.17 3.49 -8.87
C ASP A 86 -16.92 2.66 -8.69
N ALA A 88 -12.41 2.63 -7.39
CA ALA A 88 -11.28 3.21 -6.67
C ALA A 88 -10.01 2.39 -6.96
N PHE A 89 -8.86 3.05 -6.91
CA PHE A 89 -7.59 2.35 -6.73
C PHE A 89 -7.24 2.58 -5.26
N THR A 91 -5.81 1.45 -1.24
CA THR A 91 -4.88 0.66 -0.45
C THR A 91 -5.57 -0.62 0.03
N VAL A 92 -4.85 -1.73 -0.01
CA VAL A 92 -5.34 -2.93 0.65
C VAL A 92 -5.34 -2.66 2.17
N ALA A 93 -4.55 -1.70 2.64
CA ALA A 93 -4.58 -1.32 4.04
C ALA A 93 -5.99 -0.93 4.51
N GLU A 94 -6.66 -0.04 3.79
CA GLU A 94 -8.02 0.32 4.18
C GLU A 94 -8.94 -0.90 4.09
N VAL A 95 -8.79 -1.68 3.03
CA VAL A 95 -9.64 -2.85 2.87
C VAL A 95 -9.49 -3.79 4.08
N SER A 96 -8.27 -3.91 4.61
CA SER A 96 -8.04 -4.79 5.77
C SER A 96 -8.80 -4.35 7.01
N ASN A 97 -9.20 -3.08 7.10
CA ASN A 97 -10.02 -2.62 8.22
C ASN A 97 -11.41 -3.27 8.15
N ARG A 98 -11.86 -3.55 6.93
CA ARG A 98 -13.15 -4.19 6.66
C ARG A 98 -13.03 -5.71 6.60
N VAL A 99 -11.90 -6.20 6.08
CA VAL A 99 -11.67 -7.60 5.78
C VAL A 99 -10.31 -7.99 6.36
N PRO A 100 -10.29 -8.42 7.62
CA PRO A 100 -9.01 -8.59 8.31
C PRO A 100 -8.08 -9.63 7.71
N ASN A 101 -8.58 -10.58 6.92
CA ASN A 101 -7.69 -11.52 6.27
C ASN A 101 -6.69 -10.85 5.33
N GLY A 103 -4.93 -8.57 6.11
CA GLY A 103 -3.79 -8.33 6.98
C GLY A 103 -2.62 -9.26 6.69
N ALA A 104 -2.88 -10.42 6.09
CA ALA A 104 -1.84 -11.42 5.82
C ALA A 104 -0.73 -10.86 4.96
N PHE A 105 -1.06 -9.95 4.03
CA PHE A 105 -0.04 -9.40 3.16
C PHE A 105 1.03 -8.58 3.88
N TYR A 106 0.74 -8.17 5.10
CA TYR A 106 1.57 -7.23 5.84
C TYR A 106 2.50 -7.90 6.84
N ALA A 107 2.58 -9.22 6.80
CA ALA A 107 3.55 -9.91 7.64
C ALA A 107 4.93 -9.31 7.37
N PRO A 108 5.63 -8.86 8.43
CA PRO A 108 6.93 -8.25 8.17
C PRO A 108 7.88 -9.20 7.46
N TYR A 109 8.56 -8.68 6.43
CA TYR A 109 9.55 -9.42 5.69
C TYR A 109 9.01 -10.67 4.99
N LEU A 110 7.69 -10.69 4.75
CA LEU A 110 7.10 -11.69 3.89
C LEU A 110 7.79 -11.67 2.52
N ALA A 111 7.99 -10.48 1.99
CA ALA A 111 8.71 -10.28 0.73
C ALA A 111 10.09 -9.75 1.02
N GLY A 112 11.07 -10.21 0.26
CA GLY A 112 12.45 -9.80 0.47
C GLY A 112 12.80 -8.53 -0.24
N ASP A 113 11.97 -8.15 -1.21
CA ASP A 113 12.15 -6.94 -1.99
C ASP A 113 10.91 -6.76 -2.86
N ILE A 114 10.87 -5.67 -3.61
CA ILE A 114 9.70 -5.36 -4.40
C ILE A 114 9.42 -6.38 -5.52
N ASN A 115 10.47 -6.95 -6.09
CA ASN A 115 10.25 -7.97 -7.12
C ASN A 115 9.59 -9.24 -6.58
N HIS A 116 10.02 -9.64 -5.39
CA HIS A 116 9.39 -10.74 -4.68
C HIS A 116 7.92 -10.39 -4.35
N ALA A 117 7.68 -9.17 -3.89
CA ALA A 117 6.33 -8.72 -3.56
C ALA A 117 5.41 -8.81 -4.75
N ALA A 118 5.88 -8.36 -5.91
CA ALA A 118 5.04 -8.42 -7.11
C ALA A 118 4.69 -9.85 -7.46
N ALA A 119 5.63 -10.78 -7.30
CA ALA A 119 5.35 -12.17 -7.61
C ALA A 119 4.33 -12.73 -6.64
N ILE A 120 4.42 -12.36 -5.38
CA ILE A 120 3.43 -12.79 -4.40
C ILE A 120 2.04 -12.28 -4.78
N LEU A 121 1.96 -11.01 -5.17
CA LEU A 121 0.66 -10.39 -5.42
C LEU A 121 0.01 -10.93 -6.70
N ARG A 122 0.82 -11.51 -7.59
CA ARG A 122 0.32 -12.15 -8.81
C ARG A 122 -0.01 -13.63 -8.63
N SER A 123 0.30 -14.19 -7.47
CA SER A 123 0.13 -15.63 -7.22
C SER A 123 -1.34 -16.04 -7.16
N ASP A 124 -1.60 -17.31 -7.41
CA ASP A 124 -2.93 -17.86 -7.22
C ASP A 124 -3.43 -17.71 -5.78
N THR A 125 -2.53 -17.86 -4.82
CA THR A 125 -2.91 -17.69 -3.42
C THR A 125 -3.47 -16.28 -3.18
N ALA A 126 -2.75 -15.26 -3.64
CA ALA A 126 -3.22 -13.88 -3.46
C ALA A 126 -4.52 -13.64 -4.22
N ARG A 127 -4.57 -14.06 -5.48
CA ARG A 127 -5.76 -13.81 -6.27
C ARG A 127 -6.98 -14.48 -5.66
N GLY A 128 -6.80 -15.65 -5.07
CA GLY A 128 -7.91 -16.34 -4.43
C GLY A 128 -8.52 -15.54 -3.30
N LEU A 130 -9.21 -12.49 -3.18
CA LEU A 130 -10.14 -11.48 -3.71
C LEU A 130 -11.60 -11.95 -3.74
N ALA A 131 -11.81 -13.26 -3.74
CA ALA A 131 -13.16 -13.80 -3.94
C ALA A 131 -14.17 -13.40 -2.87
N VAL A 132 -13.68 -13.09 -1.66
CA VAL A 132 -14.56 -12.71 -0.56
C VAL A 132 -15.08 -11.28 -0.63
N LEU A 133 -14.50 -10.45 -1.48
CA LEU A 133 -14.78 -9.03 -1.41
C LEU A 133 -16.22 -8.63 -1.72
N PRO A 134 -16.88 -9.28 -2.71
CA PRO A 134 -18.25 -8.81 -2.96
C PRO A 134 -19.17 -8.94 -1.74
N GLN A 135 -19.10 -10.06 -1.03
N GLN A 135 -19.05 -10.07 -1.05
CA GLN A 135 -19.93 -10.21 0.16
CA GLN A 135 -19.85 -10.35 0.14
C GLN A 135 -19.41 -9.41 1.33
C GLN A 135 -19.41 -9.52 1.35
N GLU A 136 -18.10 -9.50 1.59
CA GLU A 136 -17.57 -8.94 2.81
C GLU A 136 -17.36 -7.44 2.77
N ALA A 137 -17.23 -6.87 1.56
CA ALA A 137 -16.97 -5.44 1.42
C ALA A 137 -17.81 -4.74 0.33
N GLY A 138 -18.67 -5.48 -0.37
CA GLY A 138 -19.50 -4.87 -1.40
C GLY A 138 -18.76 -4.36 -2.61
N VAL A 139 -17.61 -4.95 -2.88
CA VAL A 139 -16.78 -4.53 -4.00
C VAL A 139 -16.23 -5.75 -4.72
N VAL A 140 -15.99 -5.58 -6.02
CA VAL A 140 -15.27 -6.54 -6.83
C VAL A 140 -13.84 -6.06 -6.92
N GLY A 141 -12.89 -6.90 -6.48
CA GLY A 141 -11.47 -6.62 -6.64
C GLY A 141 -10.95 -7.30 -7.88
N VAL A 142 -10.46 -6.53 -8.82
CA VAL A 142 -10.09 -7.07 -10.13
C VAL A 142 -8.70 -7.67 -10.14
N GLY A 143 -7.89 -7.31 -9.16
CA GLY A 143 -6.48 -7.68 -9.13
C GLY A 143 -5.70 -6.78 -8.21
N PHE A 144 -4.46 -7.16 -7.94
CA PHE A 144 -3.59 -6.39 -7.06
C PHE A 144 -2.52 -5.62 -7.79
N GLY A 145 -2.28 -4.41 -7.35
CA GLY A 145 -1.08 -3.67 -7.68
C GLY A 145 -0.33 -3.44 -6.37
N SER A 146 0.57 -2.46 -6.37
CA SER A 146 1.27 -2.13 -5.12
C SER A 146 1.76 -0.71 -5.18
N ALA A 147 2.16 -0.20 -4.03
CA ALA A 147 3.10 0.89 -3.97
C ALA A 147 4.45 0.33 -3.51
N GLY A 148 5.36 1.19 -3.10
CA GLY A 148 6.65 0.72 -2.69
C GLY A 148 6.64 0.03 -1.33
N ARG A 150 7.64 -0.43 2.67
CA ARG A 150 7.65 0.52 3.77
C ARG A 150 9.04 0.77 4.31
N GLN A 151 9.30 2.04 4.64
CA GLN A 151 10.54 2.51 5.22
C GLN A 151 10.27 3.36 6.44
N ILE A 152 11.32 3.79 7.12
CA ILE A 152 11.17 4.65 8.29
C ILE A 152 12.05 5.89 8.16
N LEU A 153 11.52 7.05 8.54
N LEU A 153 11.47 7.06 8.45
CA LEU A 153 12.25 8.31 8.50
CA LEU A 153 12.24 8.27 8.64
C LEU A 153 12.10 8.94 9.89
C LEU A 153 12.18 8.66 10.09
N SER A 154 13.19 9.37 10.55
CA SER A 154 13.14 9.89 11.91
C SER A 154 13.83 11.24 12.03
N ARG A 155 13.32 12.10 12.90
CA ARG A 155 13.94 13.40 13.21
C ARG A 155 15.18 13.26 14.06
N GLY A 156 15.44 12.08 14.62
CA GLY A 156 16.67 11.93 15.39
C GLY A 156 17.53 10.81 14.87
N ALA A 157 18.63 10.51 15.57
CA ALA A 157 19.45 9.35 15.22
C ALA A 157 18.70 8.06 15.52
N VAL A 158 18.92 7.04 14.68
CA VAL A 158 18.37 5.72 14.93
C VAL A 158 19.46 4.70 14.66
N ASN A 159 20.00 4.15 15.74
CA ASN A 159 21.11 3.21 15.66
C ASN A 159 20.66 1.80 16.02
N SER A 160 19.51 1.69 16.67
CA SER A 160 18.92 0.40 16.97
C SER A 160 17.43 0.59 17.16
N ALA A 161 16.70 -0.52 17.26
CA ALA A 161 15.27 -0.46 17.42
C ALA A 161 14.85 0.22 18.72
N ALA A 162 15.71 0.16 19.74
CA ALA A 162 15.44 0.83 21.00
C ALA A 162 15.26 2.34 20.82
N ASP A 163 15.90 2.91 19.80
CA ASP A 163 15.78 4.33 19.56
C ASP A 163 14.38 4.73 19.06
N LEU A 164 13.58 3.75 18.63
CA LEU A 164 12.20 4.02 18.21
C LEU A 164 11.23 4.05 19.39
N SER A 165 11.68 3.61 20.56
CA SER A 165 10.81 3.53 21.72
C SER A 165 10.25 4.89 22.10
N GLY A 166 8.94 4.97 22.20
CA GLY A 166 8.26 6.19 22.60
C GLY A 166 8.19 7.27 21.53
N LEU A 167 8.68 7.00 20.34
CA LEU A 167 8.62 8.00 19.28
C LEU A 167 7.22 8.10 18.70
N LYS A 168 6.67 9.31 18.65
CA LYS A 168 5.42 9.52 17.95
C LYS A 168 5.72 9.31 16.47
N LEU A 169 5.11 8.28 15.89
CA LEU A 169 5.53 7.78 14.59
C LEU A 169 4.31 7.67 13.68
N ARG A 170 4.28 8.45 12.61
CA ARG A 170 3.12 8.47 11.72
C ARG A 170 2.94 7.13 11.04
N ILE A 171 1.69 6.67 11.04
CA ILE A 171 1.33 5.49 10.27
C ILE A 171 0.10 5.71 9.42
N THR A 172 -0.02 4.90 8.37
CA THR A 172 -1.27 4.72 7.66
C THR A 172 -2.30 4.18 8.66
N PRO A 173 -3.57 4.64 8.58
CA PRO A 173 -4.55 4.15 9.56
C PRO A 173 -5.08 2.71 9.28
N PHE A 174 -4.29 1.72 9.68
CA PHE A 174 -4.70 0.33 9.62
C PHE A 174 -3.97 -0.48 10.67
N ASP A 175 -4.53 -1.62 11.04
CA ASP A 175 -4.07 -2.34 12.21
C ASP A 175 -2.74 -3.11 12.04
N PRO A 176 -2.48 -3.74 10.88
CA PRO A 176 -1.18 -4.44 10.79
C PRO A 176 0.04 -3.59 11.14
N ILE A 177 0.08 -2.32 10.70
CA ILE A 177 1.25 -1.49 10.97
C ILE A 177 1.22 -0.95 12.40
N LEU A 178 0.03 -0.66 12.91
CA LEU A 178 -0.13 -0.26 14.31
C LEU A 178 0.45 -1.34 15.20
N ASP A 179 0.12 -2.59 14.89
CA ASP A 179 0.56 -3.71 15.71
C ASP A 179 2.09 -3.86 15.66
N PHE A 180 2.70 -3.70 14.49
CA PHE A 180 4.16 -3.79 14.34
C PHE A 180 4.84 -2.75 15.23
N TYR A 181 4.40 -1.48 15.13
CA TYR A 181 5.01 -0.43 15.91
C TYR A 181 4.70 -0.52 17.40
N ASN A 182 3.52 -1.03 17.76
CA ASN A 182 3.26 -1.26 19.17
C ASN A 182 4.17 -2.33 19.75
N ALA A 183 4.46 -3.36 18.96
CA ALA A 183 5.37 -4.41 19.38
C ALA A 183 6.79 -3.89 19.58
N LEU A 184 7.17 -2.92 18.75
CA LEU A 184 8.47 -2.24 18.88
C LEU A 184 8.54 -1.22 19.99
N GLY A 185 7.37 -0.84 20.50
CA GLY A 185 7.30 0.13 21.58
C GLY A 185 7.33 1.58 21.13
N ALA A 186 7.17 1.84 19.84
CA ALA A 186 6.99 3.21 19.39
C ALA A 186 5.62 3.72 19.82
N ALA A 187 5.26 4.94 19.44
CA ALA A 187 3.95 5.51 19.72
C ALA A 187 3.28 5.83 18.37
N PRO A 188 2.79 4.80 17.70
CA PRO A 188 2.23 5.00 16.36
C PRO A 188 1.04 5.94 16.42
N THR A 189 0.96 6.80 15.40
CA THR A 189 -0.01 7.87 15.31
C THR A 189 -0.59 7.86 13.90
N PRO A 190 -1.86 7.47 13.72
CA PRO A 190 -2.43 7.43 12.37
C PRO A 190 -2.62 8.83 11.86
N PRO A 192 -3.29 10.91 7.80
CA PRO A 192 -3.33 10.87 6.35
C PRO A 192 -2.17 11.64 5.72
N LEU A 193 -1.90 11.32 4.46
CA LEU A 193 -0.77 11.87 3.74
C LEU A 193 -0.60 13.41 3.78
N PRO A 194 -1.68 14.19 3.55
CA PRO A 194 -1.45 15.63 3.44
C PRO A 194 -0.87 16.31 4.68
N ALA A 195 -1.05 15.72 5.85
CA ALA A 195 -0.60 16.34 7.10
C ALA A 195 0.81 15.99 7.51
N VAL A 196 1.41 15.02 6.82
CA VAL A 196 2.66 14.43 7.34
C VAL A 196 3.85 15.37 7.29
N TYR A 197 4.05 16.08 6.17
CA TYR A 197 5.19 16.96 6.06
C TYR A 197 5.16 18.00 7.17
N ASP A 198 3.99 18.61 7.38
CA ASP A 198 3.85 19.63 8.41
C ASP A 198 4.06 19.07 9.81
N ALA A 199 3.56 17.86 10.05
CA ALA A 199 3.69 17.21 11.35
C ALA A 199 5.15 16.99 11.70
N LEU A 200 5.97 16.64 10.72
CA LEU A 200 7.40 16.52 10.98
C LEU A 200 8.04 17.87 11.23
N ALA A 201 7.70 18.83 10.39
CA ALA A 201 8.30 20.17 10.48
C ALA A 201 8.00 20.79 11.84
N ASN A 202 6.82 20.52 12.38
CA ASN A 202 6.34 21.19 13.57
C ASN A 202 6.35 20.31 14.82
N GLY A 203 6.95 19.13 14.73
CA GLY A 203 7.11 18.27 15.89
C GLY A 203 5.90 17.50 16.42
N GLN A 204 4.81 17.47 15.67
CA GLN A 204 3.64 16.67 16.04
C GLN A 204 3.96 15.17 15.93
N VAL A 205 4.94 14.83 15.09
CA VAL A 205 5.49 13.47 15.07
C VAL A 205 7.01 13.58 15.05
N ASP A 206 7.64 12.53 15.56
CA ASP A 206 9.09 12.39 15.63
C ASP A 206 9.65 11.56 14.47
N ALA A 207 8.80 10.76 13.85
CA ALA A 207 9.22 9.81 12.82
C ALA A 207 8.01 9.43 11.98
N ILE A 208 8.24 8.83 10.81
CA ILE A 208 7.15 8.40 9.95
C ILE A 208 7.47 7.06 9.32
N ASP A 209 6.40 6.31 9.05
CA ASP A 209 6.42 5.13 8.19
C ASP A 209 5.89 5.58 6.83
N ASP A 211 6.91 5.27 2.18
CA ASP A 211 7.68 4.66 1.12
C ASP A 211 8.58 5.69 0.42
N VAL A 212 9.52 5.20 -0.40
CA VAL A 212 10.50 6.13 -0.97
C VAL A 212 9.86 7.07 -2.01
N GLU A 213 8.87 6.62 -2.75
CA GLU A 213 8.21 7.49 -3.72
C GLU A 213 7.68 8.73 -3.04
N LEU A 214 6.96 8.56 -1.93
CA LEU A 214 6.35 9.70 -1.26
C LEU A 214 7.34 10.48 -0.40
N ILE A 215 8.37 9.83 0.13
CA ILE A 215 9.40 10.59 0.82
C ILE A 215 9.99 11.62 -0.14
N ASN A 216 10.19 11.20 -1.39
CA ASN A 216 10.64 12.11 -2.45
C ASN A 216 9.55 13.13 -2.82
N VAL A 217 8.36 12.67 -3.18
CA VAL A 217 7.32 13.58 -3.67
C VAL A 217 6.84 14.59 -2.62
N LEU A 218 6.61 14.12 -1.40
CA LEU A 218 6.14 14.99 -0.32
C LEU A 218 7.27 15.71 0.40
N LYS A 219 8.53 15.40 0.04
CA LYS A 219 9.72 16.08 0.58
C LYS A 219 9.87 15.90 2.08
N CYS A 220 9.41 14.78 2.61
CA CYS A 220 9.44 14.56 4.06
C CYS A 220 10.84 14.42 4.63
N HIS A 221 11.83 14.20 3.77
CA HIS A 221 13.22 14.14 4.23
C HIS A 221 13.74 15.48 4.72
N GLU A 222 13.06 16.58 4.39
CA GLU A 222 13.58 17.92 4.70
C GLU A 222 13.74 18.17 6.19
N HIS A 223 12.87 17.57 7.00
CA HIS A 223 12.95 17.76 8.46
C HIS A 223 13.41 16.49 9.18
N ALA A 224 13.85 15.51 8.42
CA ALA A 224 14.35 14.27 9.00
C ALA A 224 15.84 14.37 9.24
N ASP A 225 16.35 13.49 10.08
N ASP A 225 16.31 13.55 10.18
CA ASP A 225 17.79 13.38 10.22
CA ASP A 225 17.73 13.33 10.47
C ASP A 225 18.30 11.99 9.84
C ASP A 225 18.19 12.07 9.73
N THR A 226 17.43 10.99 9.89
CA THR A 226 17.83 9.65 9.49
C THR A 226 16.77 9.01 8.60
N ILE A 227 17.26 8.43 7.51
CA ILE A 227 16.44 7.67 6.57
C ILE A 227 16.84 6.19 6.72
N LEU A 228 15.87 5.37 7.08
N LEU A 228 15.90 5.37 7.18
CA LEU A 228 16.09 3.97 7.37
CA LEU A 228 16.13 3.95 7.36
C LEU A 228 15.42 3.10 6.32
C LEU A 228 15.42 3.18 6.26
N ILE A 229 16.21 2.56 5.41
CA ILE A 229 15.70 1.74 4.32
C ILE A 229 15.62 0.32 4.85
N SER A 230 14.46 0.02 5.43
CA SER A 230 14.19 -1.24 6.08
C SER A 230 13.41 -2.23 5.21
N ASN A 231 12.59 -1.72 4.28
CA ASN A 231 11.78 -2.59 3.43
C ASN A 231 11.00 -3.61 4.25
N HIS A 232 10.42 -3.17 5.36
CA HIS A 232 9.92 -4.12 6.36
C HIS A 232 8.55 -4.71 6.04
N PHE A 235 3.04 -3.17 0.53
CA PHE A 235 1.93 -2.21 0.61
C PHE A 235 1.09 -2.36 -0.65
N PRO A 236 0.26 -3.41 -0.69
CA PRO A 236 -0.53 -3.67 -1.90
C PRO A 236 -1.65 -2.66 -2.14
N VAL A 238 -5.45 -2.43 -4.54
CA VAL A 238 -6.45 -3.22 -5.23
C VAL A 238 -7.34 -2.29 -6.07
N GLY A 239 -7.62 -2.73 -7.30
CA GLY A 239 -8.60 -2.03 -8.11
C GLY A 239 -9.99 -2.55 -7.78
N LEU A 240 -10.86 -1.63 -7.39
CA LEU A 240 -12.21 -1.96 -6.91
C LEU A 240 -13.28 -1.36 -7.80
N ILE A 241 -14.30 -2.18 -8.05
CA ILE A 241 -15.54 -1.73 -8.64
C ILE A 241 -16.65 -2.00 -7.63
N SER A 242 -17.50 -1.02 -7.35
CA SER A 242 -18.67 -1.26 -6.51
C SER A 242 -19.45 -2.46 -7.01
N ALA A 243 -19.77 -3.39 -6.13
CA ALA A 243 -20.51 -4.56 -6.57
C ALA A 243 -21.88 -4.20 -7.11
N ARG A 244 -22.52 -3.20 -6.53
CA ARG A 244 -23.83 -2.74 -6.98
C ARG A 244 -23.73 -2.19 -8.41
N VAL A 245 -22.67 -1.43 -8.68
CA VAL A 245 -22.46 -0.89 -10.02
C VAL A 245 -22.11 -2.01 -11.00
N TYR A 246 -21.21 -2.90 -10.62
CA TYR A 246 -20.83 -4.02 -11.46
C TYR A 246 -22.04 -4.85 -11.87
N ALA A 247 -22.94 -5.09 -10.93
CA ALA A 247 -24.15 -5.87 -11.23
C ALA A 247 -25.03 -5.19 -12.27
N GLY A 248 -24.94 -3.89 -12.39
CA GLY A 248 -25.72 -3.15 -13.39
C GLY A 248 -25.10 -3.10 -14.78
N SER A 250 -23.58 -4.56 -18.37
CA SER A 250 -23.81 -5.67 -19.26
C SER A 250 -22.75 -6.74 -19.05
N ASP A 251 -23.03 -7.96 -19.49
CA ASP A 251 -22.07 -9.04 -19.35
C ASP A 251 -20.76 -8.73 -20.09
N ALA A 252 -20.88 -8.15 -21.28
CA ALA A 252 -19.70 -7.77 -22.05
C ALA A 252 -18.87 -6.74 -21.31
N ASP A 253 -19.54 -5.76 -20.71
CA ASP A 253 -18.82 -4.70 -20.00
C ASP A 253 -18.21 -5.18 -18.69
N LYS A 254 -18.89 -6.07 -17.97
CA LYS A 254 -18.31 -6.67 -16.76
C LYS A 254 -16.95 -7.24 -17.13
N ALA A 255 -16.89 -7.98 -18.23
CA ALA A 255 -15.66 -8.63 -18.64
C ALA A 255 -14.63 -7.62 -19.12
N ILE A 257 -14.42 -4.28 -18.72
CA ILE A 257 -13.98 -3.26 -17.77
C ILE A 257 -13.13 -3.87 -16.68
N SER A 258 -13.50 -5.05 -16.19
CA SER A 258 -12.72 -5.67 -15.14
C SER A 258 -11.32 -6.08 -15.68
N GLU A 259 -11.25 -6.59 -16.92
CA GLU A 259 -9.97 -6.97 -17.51
C GLU A 259 -9.08 -5.75 -17.74
N LEU A 260 -9.68 -4.67 -18.23
CA LEU A 260 -8.90 -3.48 -18.49
C LEU A 260 -8.38 -2.89 -17.17
N ALA A 262 -7.83 -4.50 -14.39
CA ALA A 262 -6.81 -5.42 -13.89
C ALA A 262 -5.47 -5.17 -14.59
N LYS A 263 -5.49 -4.87 -15.89
CA LYS A 263 -4.26 -4.60 -16.61
C LYS A 263 -3.57 -3.36 -16.06
N HIS A 264 -4.32 -2.30 -15.81
CA HIS A 264 -3.70 -1.07 -15.32
C HIS A 264 -3.24 -1.18 -13.87
N VAL A 265 -3.98 -1.92 -13.06
CA VAL A 265 -3.55 -2.16 -11.69
C VAL A 265 -2.24 -2.98 -11.70
N ASP A 266 -2.18 -4.01 -12.52
CA ASP A 266 -1.00 -4.86 -12.58
C ASP A 266 0.21 -4.06 -13.08
N SER A 267 -0.02 -3.10 -13.98
CA SER A 267 1.06 -2.27 -14.52
C SER A 267 1.85 -1.55 -13.44
N THR A 268 1.20 -1.25 -12.32
CA THR A 268 1.90 -0.55 -11.25
C THR A 268 3.04 -1.40 -10.70
N LEU A 269 2.87 -2.72 -10.70
CA LEU A 269 3.94 -3.58 -10.16
C LEU A 269 5.25 -3.39 -10.93
N ASP A 270 5.13 -3.32 -12.25
CA ASP A 270 6.31 -3.11 -13.08
C ASP A 270 6.97 -1.73 -12.88
N VAL A 271 6.17 -0.70 -12.62
CA VAL A 271 6.74 0.60 -12.27
C VAL A 271 7.58 0.48 -11.01
N TYR A 272 7.04 -0.12 -9.95
CA TYR A 272 7.80 -0.22 -8.72
C TYR A 272 9.01 -1.11 -8.82
N VAL A 274 10.95 -1.33 -11.21
CA VAL A 274 11.98 -0.52 -11.85
C VAL A 274 12.39 0.63 -10.95
N LYS A 275 11.41 1.35 -10.40
CA LYS A 275 11.68 2.64 -9.79
C LYS A 275 12.05 2.60 -8.30
N GLU A 276 11.68 1.55 -7.56
CA GLU A 276 12.05 1.50 -6.15
C GLU A 276 13.54 1.79 -5.89
N PRO A 277 14.45 1.10 -6.61
CA PRO A 277 15.85 1.42 -6.26
C PRO A 277 16.30 2.80 -6.73
N GLU A 278 15.60 3.36 -7.72
CA GLU A 278 15.94 4.67 -8.24
C GLU A 278 15.54 5.77 -7.26
N TRP A 279 14.31 5.71 -6.78
CA TRP A 279 13.85 6.62 -5.72
C TRP A 279 14.67 6.45 -4.43
N THR A 280 15.13 5.22 -4.16
CA THR A 280 15.93 4.97 -2.98
C THR A 280 17.28 5.65 -3.14
N ASP A 281 17.90 5.49 -4.30
CA ASP A 281 19.18 6.14 -4.52
C ASP A 281 19.05 7.68 -4.48
N ALA A 282 17.92 8.23 -4.95
CA ALA A 282 17.71 9.66 -4.85
C ALA A 282 17.79 10.16 -3.40
N LEU A 283 17.39 9.32 -2.45
CA LEU A 283 17.41 9.69 -1.04
C LEU A 283 18.79 9.62 -0.40
N THR A 284 19.80 9.20 -1.15
CA THR A 284 21.18 9.31 -0.71
C THR A 284 21.74 10.69 -1.07
N LYS A 285 20.93 11.50 -1.74
CA LYS A 285 21.38 12.81 -2.26
C LYS A 285 20.63 13.98 -1.63
N VAL A 286 20.14 13.79 -0.40
CA VAL A 286 19.40 14.84 0.29
C VAL A 286 20.07 15.23 1.61
N GLY A 287 21.32 14.80 1.79
CA GLY A 287 22.16 15.31 2.86
C GLY A 287 21.82 14.77 4.23
N LYS A 288 21.17 13.60 4.28
CA LYS A 288 20.78 13.03 5.56
C LYS A 288 21.52 11.73 5.84
N THR A 289 21.42 11.26 7.08
CA THR A 289 21.98 9.99 7.45
C THR A 289 21.10 8.91 6.82
N PHE A 290 21.72 8.03 6.05
CA PHE A 290 21.01 7.06 5.24
C PHE A 290 21.57 5.71 5.58
N LYS A 291 20.72 4.78 6.00
CA LYS A 291 21.19 3.45 6.30
C LYS A 291 20.18 2.38 5.91
N ARG A 292 20.71 1.24 5.49
CA ARG A 292 19.90 0.08 5.15
C ARG A 292 19.95 -0.89 6.33
N VAL A 293 18.78 -1.40 6.73
CA VAL A 293 18.70 -2.37 7.80
C VAL A 293 17.86 -3.56 7.36
N ASP A 294 18.02 -4.68 8.06
CA ASP A 294 17.30 -5.89 7.71
C ASP A 294 16.48 -6.36 8.89
N GLN A 295 15.85 -7.51 8.72
CA GLN A 295 14.88 -8.02 9.67
C GLN A 295 15.42 -8.10 11.10
N SER A 296 16.71 -8.39 11.25
CA SER A 296 17.29 -8.54 12.58
C SER A 296 17.21 -7.26 13.42
N PHE A 297 17.18 -6.12 12.73
CA PHE A 297 17.06 -4.82 13.39
C PHE A 297 15.86 -4.75 14.32
N PHE A 298 14.78 -5.43 13.95
CA PHE A 298 13.52 -5.29 14.65
C PHE A 298 13.29 -6.27 15.81
N GLY A 299 14.27 -7.13 16.08
CA GLY A 299 14.18 -7.97 17.26
C GLY A 299 12.92 -8.82 17.30
N ASP A 300 12.28 -8.86 18.47
CA ASP A 300 11.14 -9.73 18.68
C ASP A 300 9.82 -9.16 18.16
N ALA A 301 9.84 -8.02 17.48
CA ALA A 301 8.57 -7.42 17.05
C ALA A 301 7.90 -8.27 15.97
N ILE A 302 8.71 -8.90 15.14
CA ILE A 302 8.18 -9.72 14.07
C ILE A 302 7.46 -10.95 14.60
N ALA A 303 8.05 -11.60 15.59
CA ALA A 303 7.43 -12.73 16.26
C ALA A 303 6.13 -12.32 16.94
N GLN A 304 6.13 -11.17 17.61
CA GLN A 304 4.95 -10.70 18.29
C GLN A 304 3.81 -10.45 17.31
N TRP A 305 4.17 -9.90 16.15
CA TRP A 305 3.20 -9.65 15.09
C TRP A 305 2.53 -10.95 14.64
N GLU A 306 3.32 -12.00 14.45
CA GLU A 306 2.77 -13.31 14.05
C GLU A 306 1.75 -13.82 15.08
N THR A 307 2.07 -13.67 16.36
CA THR A 307 1.14 -14.11 17.39
C THR A 307 -0.18 -13.34 17.34
N ILE A 308 -0.09 -12.05 17.09
CA ILE A 308 -1.30 -11.24 17.01
C ILE A 308 -2.16 -11.67 15.82
N TRP A 309 -1.53 -11.90 14.67
CA TRP A 309 -2.25 -12.09 13.41
C TRP A 309 -2.62 -13.53 13.10
N ALA A 310 -2.13 -14.48 13.90
CA ALA A 310 -2.36 -15.90 13.62
C ALA A 310 -3.85 -16.21 13.54
N ASP A 311 -4.65 -15.68 14.45
CA ASP A 311 -6.08 -16.01 14.42
C ASP A 311 -6.94 -14.91 13.79
N LYS A 312 -6.30 -13.94 13.14
N LYS A 312 -6.30 -13.92 13.15
CA LYS A 312 -7.01 -12.86 12.46
CA LYS A 312 -7.00 -12.85 12.47
C LYS A 312 -7.01 -13.05 10.95
C LYS A 312 -6.99 -13.00 10.95
N ALA A 313 -5.92 -13.58 10.42
CA ALA A 313 -5.74 -13.74 8.97
C ALA A 313 -5.41 -15.20 8.61
N PRO A 314 -6.45 -16.01 8.42
CA PRO A 314 -6.26 -17.44 8.16
C PRO A 314 -5.42 -17.78 6.92
N SER A 315 -5.30 -16.85 5.98
CA SER A 315 -4.53 -17.10 4.77
C SER A 315 -3.03 -17.00 5.02
N LEU A 316 -2.61 -16.55 6.20
CA LEU A 316 -1.19 -16.29 6.41
C LEU A 316 -0.27 -17.50 6.15
N PRO A 317 -0.60 -18.68 6.69
CA PRO A 317 0.33 -19.80 6.44
C PRO A 317 0.48 -20.13 4.96
N GLU A 318 -0.60 -20.11 4.18
CA GLU A 318 -0.49 -20.38 2.76
C GLU A 318 0.28 -19.28 2.02
N LEU A 319 0.06 -18.02 2.40
CA LEU A 319 0.80 -16.93 1.76
C LEU A 319 2.29 -17.03 2.09
N ARG A 320 2.62 -17.42 3.31
CA ARG A 320 4.04 -17.62 3.65
C ARG A 320 4.66 -18.73 2.81
N LYS A 321 3.91 -19.81 2.58
CA LYS A 321 4.40 -20.93 1.79
C LYS A 321 4.60 -20.50 0.34
N THR A 322 3.64 -19.74 -0.18
CA THR A 322 3.74 -19.22 -1.53
C THR A 322 4.97 -18.32 -1.70
N ALA A 323 5.17 -17.42 -0.73
CA ALA A 323 6.31 -16.53 -0.77
C ALA A 323 7.61 -17.31 -0.72
N ALA A 324 7.67 -18.31 0.15
CA ALA A 324 8.89 -19.10 0.31
C ALA A 324 9.21 -19.89 -0.95
N ASP A 325 8.19 -20.45 -1.59
CA ASP A 325 8.40 -21.20 -2.82
C ASP A 325 8.86 -20.31 -3.98
N LEU A 326 8.32 -19.10 -4.08
CA LEU A 326 8.72 -18.19 -5.15
C LEU A 326 10.20 -17.87 -5.02
N GLN A 327 10.65 -17.68 -3.80
CA GLN A 327 12.04 -17.35 -3.55
C GLN A 327 12.93 -18.55 -3.85
N ALA A 328 12.55 -19.71 -3.34
CA ALA A 328 13.35 -20.93 -3.52
C ALA A 328 13.51 -21.30 -4.99
N GLU A 329 12.48 -21.07 -5.79
CA GLU A 329 12.49 -21.41 -7.21
C GLU A 329 13.01 -20.25 -8.08
N ASN A 330 13.47 -19.18 -7.43
CA ASN A 330 13.96 -17.99 -8.16
C ASN A 330 13.01 -17.50 -9.26
N LEU A 331 11.75 -17.30 -8.91
CA LEU A 331 10.72 -16.97 -9.89
C LEU A 331 10.42 -15.49 -9.96
N TYR A 332 11.47 -14.68 -9.83
CA TYR A 332 11.37 -13.25 -10.05
C TYR A 332 12.78 -12.69 -10.20
N PHE A 333 12.88 -11.44 -10.62
CA PHE A 333 14.20 -10.82 -10.85
C PHE A 333 14.89 -10.57 -9.51
N GLN A 334 16.08 -11.13 -9.36
CA GLN A 334 16.83 -11.06 -8.12
C GLN A 334 18.29 -11.38 -8.38
#